data_5U6F
#
_entry.id   5U6F
#
_cell.length_a   34.548
_cell.length_b   51.604
_cell.length_c   81.206
_cell.angle_alpha   90.00
_cell.angle_beta   101.60
_cell.angle_gamma   90.00
#
_symmetry.space_group_name_H-M   'P 1 21 1'
#
loop_
_entity.id
_entity.type
_entity.pdbx_description
1 polymer 'LPXTG-motif cell wall anchor domain protein'
2 water water
#
_entity_poly.entity_id   1
_entity_poly.type   'polypeptide(L)'
_entity_poly.pdbx_seq_one_letter_code
;KKPGVGTYATVDKLKAFDVTDGKKDAFTIKDTVRLYNVEEGKTYAIAGQLYEQSVAGDEGSALAKAATTVKVTASMAKPA
TEVEKTKYGEDVKVYETEMDLTVKREDLTKNQVVKDDIALVVYEQLWAEGTYEKVNDTEVTPKGKSEPVAKHNDPQSSSQ
SITAEPQFGSLKLTKTVTGWEDAFAKVARPEASYKFTVKCVQKGSVDEFTLKEGEEKTVEGIPLGDTCTISEDVQGAVNQ
AGLKDTVKFTAVNGVTVDSQVNGEAVVKIGGTANGSDTVANVEVTAENSFSY
;
_entity_poly.pdbx_strand_id   A
#
# COMPACT_ATOMS: atom_id res chain seq x y z
N LYS A 1 0.51 43.28 3.19
CA LYS A 1 0.41 41.85 3.63
C LYS A 1 0.04 40.89 2.53
N LYS A 2 0.96 40.00 2.20
CA LYS A 2 0.78 39.01 1.14
C LYS A 2 0.10 37.77 1.71
N PRO A 3 -0.99 37.31 1.05
CA PRO A 3 -1.61 36.10 1.58
C PRO A 3 -0.74 34.85 1.50
N GLY A 4 -1.09 33.86 2.31
CA GLY A 4 -0.40 32.58 2.33
C GLY A 4 -1.40 31.45 2.27
N VAL A 5 -0.88 30.27 1.98
CA VAL A 5 -1.71 29.06 2.04
C VAL A 5 -0.91 27.91 2.63
N GLY A 6 -1.57 27.12 3.47
CA GLY A 6 -0.97 25.93 4.07
C GLY A 6 -1.94 24.79 3.99
N THR A 7 -1.43 23.56 4.10
CA THR A 7 -2.27 22.38 4.02
C THR A 7 -1.86 21.35 5.07
N TYR A 8 -2.81 20.53 5.44
CA TYR A 8 -2.55 19.35 6.28
C TYR A 8 -3.36 18.21 5.69
N ALA A 9 -2.70 17.10 5.39
CA ALA A 9 -3.29 15.96 4.71
C ALA A 9 -3.52 14.81 5.69
N THR A 10 -4.72 14.24 5.66
CA THR A 10 -5.05 13.02 6.40
C THR A 10 -5.94 12.10 5.55
N VAL A 11 -5.99 10.83 5.93
CA VAL A 11 -6.97 9.88 5.42
C VAL A 11 -7.58 9.21 6.64
N ASP A 12 -8.88 9.44 6.85
CA ASP A 12 -9.62 8.84 7.98
C ASP A 12 -8.90 9.06 9.33
N LYS A 13 -8.60 10.33 9.61
CA LYS A 13 -7.88 10.81 10.82
C LYS A 13 -6.38 10.60 10.85
N LEU A 14 -5.84 9.72 10.00
CA LEU A 14 -4.46 9.27 10.11
C LEU A 14 -3.61 9.76 8.94
N LYS A 15 -2.30 9.57 9.05
CA LYS A 15 -1.36 9.94 7.98
C LYS A 15 -0.92 8.76 7.13
N ALA A 16 -1.52 7.59 7.37
CA ALA A 16 -1.30 6.40 6.56
C ALA A 16 -2.60 5.68 6.34
N PHE A 17 -2.66 4.94 5.24
CA PHE A 17 -3.83 4.13 4.91
C PHE A 17 -3.38 2.82 4.26
N ASP A 18 -4.27 1.83 4.31
CA ASP A 18 -3.96 0.51 3.75
C ASP A 18 -4.25 0.49 2.26
N VAL A 19 -3.18 0.69 1.48
CA VAL A 19 -3.24 0.68 0.02
C VAL A 19 -3.49 -0.72 -0.60
N THR A 20 -3.34 -1.78 0.20
CA THR A 20 -3.67 -3.15 -0.23
C THR A 20 -5.03 -3.64 0.26
N ASP A 21 -5.91 -2.71 0.68
CA ASP A 21 -7.28 -3.07 1.01
C ASP A 21 -8.08 -3.24 -0.30
N GLY A 22 -8.27 -4.50 -0.68
CA GLY A 22 -9.04 -4.88 -1.87
C GLY A 22 -10.50 -4.45 -1.86
N LYS A 23 -11.05 -4.17 -0.67
CA LYS A 23 -12.41 -3.66 -0.50
C LYS A 23 -12.62 -2.17 -0.83
N LYS A 24 -11.58 -1.48 -1.34
CA LYS A 24 -11.69 -0.05 -1.66
C LYS A 24 -11.12 0.27 -3.04
N ASP A 25 -11.98 0.79 -3.93
CA ASP A 25 -11.55 1.21 -5.27
C ASP A 25 -10.81 2.55 -5.24
N ALA A 26 -11.05 3.34 -4.19
CA ALA A 26 -10.44 4.67 -4.07
C ALA A 26 -10.22 5.06 -2.62
N PHE A 27 -9.31 6.02 -2.42
CA PHE A 27 -9.07 6.62 -1.11
C PHE A 27 -9.22 8.13 -1.25
N THR A 28 -9.78 8.76 -0.22
CA THR A 28 -9.99 10.20 -0.20
C THR A 28 -9.08 10.82 0.84
N ILE A 29 -8.17 11.67 0.37
CA ILE A 29 -7.28 12.44 1.24
C ILE A 29 -8.05 13.71 1.63
N LYS A 30 -8.21 13.92 2.93
CA LYS A 30 -8.74 15.19 3.44
C LYS A 30 -7.60 16.21 3.41
N ASP A 31 -7.81 17.27 2.64
CA ASP A 31 -6.81 18.33 2.46
C ASP A 31 -7.35 19.54 3.21
N THR A 32 -6.91 19.71 4.45
CA THR A 32 -7.33 20.84 5.27
C THR A 32 -6.48 22.04 4.84
N VAL A 33 -7.12 23.07 4.31
CA VAL A 33 -6.44 24.21 3.74
C VAL A 33 -6.61 25.41 4.65
N ARG A 34 -5.50 25.96 5.15
CA ARG A 34 -5.51 27.17 5.96
C ARG A 34 -5.05 28.33 5.09
N LEU A 35 -5.78 29.44 5.20
CA LEU A 35 -5.58 30.64 4.39
C LEU A 35 -5.14 31.74 5.32
N TYR A 36 -4.02 32.37 4.98
CA TYR A 36 -3.35 33.35 5.82
C TYR A 36 -3.46 34.73 5.22
N ASN A 37 -3.95 35.69 5.99
CA ASN A 37 -4.12 37.08 5.51
C ASN A 37 -4.89 37.21 4.21
N VAL A 38 -5.91 36.37 4.09
CA VAL A 38 -6.95 36.59 3.12
C VAL A 38 -8.00 37.51 3.73
N GLU A 39 -8.88 38.03 2.88
CA GLU A 39 -9.83 39.06 3.25
C GLU A 39 -11.24 38.51 3.20
N GLU A 40 -11.98 38.67 4.30
CA GLU A 40 -13.40 38.33 4.32
C GLU A 40 -14.17 39.08 3.23
N GLY A 41 -15.00 38.33 2.50
CA GLY A 41 -15.79 38.89 1.41
C GLY A 41 -15.18 38.74 0.02
N LYS A 42 -13.90 38.37 -0.05
CA LYS A 42 -13.26 38.07 -1.33
C LYS A 42 -13.40 36.58 -1.67
N THR A 43 -13.51 36.29 -2.96
CA THR A 43 -13.67 34.94 -3.47
C THR A 43 -12.38 34.46 -4.16
N TYR A 44 -11.69 33.56 -3.49
CA TYR A 44 -10.43 33.01 -3.99
C TYR A 44 -10.71 31.71 -4.69
N ALA A 45 -9.78 31.30 -5.55
CA ALA A 45 -9.76 29.94 -6.05
C ALA A 45 -8.64 29.18 -5.36
N ILE A 46 -8.91 27.94 -4.97
CA ILE A 46 -7.87 27.07 -4.45
C ILE A 46 -7.80 25.81 -5.28
N ALA A 47 -6.59 25.29 -5.42
CA ALA A 47 -6.35 24.07 -6.17
C ALA A 47 -5.41 23.20 -5.36
N GLY A 48 -5.72 21.92 -5.31
CA GLY A 48 -4.88 20.92 -4.65
C GLY A 48 -4.52 19.83 -5.62
N GLN A 49 -3.31 19.28 -5.48
CA GLN A 49 -2.88 18.12 -6.26
C GLN A 49 -2.18 17.13 -5.35
N LEU A 50 -2.39 15.84 -5.63
CA LEU A 50 -1.73 14.77 -4.91
C LEU A 50 -0.70 14.13 -5.82
N TYR A 51 0.54 14.02 -5.34
CA TYR A 51 1.65 13.40 -6.10
C TYR A 51 2.34 12.34 -5.28
N GLU A 52 2.95 11.38 -5.96
CA GLU A 52 3.98 10.54 -5.38
C GLU A 52 5.21 11.46 -5.20
N GLN A 53 5.90 11.32 -4.07
CA GLN A 53 6.89 12.31 -3.63
C GLN A 53 8.01 12.59 -4.63
N SER A 54 8.52 11.55 -5.29
CA SER A 54 9.65 11.67 -6.22
C SER A 54 9.32 12.38 -7.54
N VAL A 55 8.03 12.45 -7.89
CA VAL A 55 7.56 13.18 -9.08
C VAL A 55 6.76 14.45 -8.72
N ALA A 56 6.82 14.87 -7.45
CA ALA A 56 5.96 15.96 -6.99
C ALA A 56 6.25 17.27 -7.72
N GLY A 57 5.19 17.87 -8.25
CA GLY A 57 5.25 19.12 -9.01
C GLY A 57 5.36 18.96 -10.51
N ASP A 58 5.57 17.72 -10.99
CA ASP A 58 5.74 17.48 -12.42
C ASP A 58 4.38 17.40 -13.09
N GLU A 59 4.12 18.33 -14.02
CA GLU A 59 2.82 18.36 -14.70
C GLU A 59 2.70 17.09 -15.55
N GLY A 60 1.56 16.42 -15.45
CA GLY A 60 1.36 15.10 -16.02
C GLY A 60 1.34 13.99 -14.98
N SER A 61 2.04 14.17 -13.85
CA SER A 61 2.23 13.11 -12.85
C SER A 61 1.24 13.10 -11.67
N ALA A 62 0.34 14.08 -11.58
CA ALA A 62 -0.61 14.12 -10.44
C ALA A 62 -1.55 12.91 -10.40
N LEU A 63 -1.73 12.34 -9.20
CA LEU A 63 -2.64 11.21 -8.98
C LEU A 63 -4.08 11.62 -8.66
N ALA A 64 -4.25 12.85 -8.19
CA ALA A 64 -5.56 13.43 -7.93
C ALA A 64 -5.41 14.94 -7.99
N LYS A 65 -6.46 15.61 -8.42
CA LYS A 65 -6.54 17.07 -8.43
C LYS A 65 -7.91 17.51 -7.94
N ALA A 66 -7.96 18.67 -7.31
CA ALA A 66 -9.22 19.28 -6.92
C ALA A 66 -9.07 20.78 -6.99
N ALA A 67 -10.14 21.45 -7.37
CA ALA A 67 -10.17 22.91 -7.39
C ALA A 67 -11.55 23.39 -7.01
N THR A 68 -11.60 24.56 -6.40
CA THR A 68 -12.86 25.17 -6.01
C THR A 68 -12.66 26.64 -5.75
N THR A 69 -13.76 27.37 -5.59
CA THR A 69 -13.70 28.75 -5.14
C THR A 69 -14.17 28.81 -3.72
N VAL A 70 -13.70 29.80 -2.99
CA VAL A 70 -14.15 30.01 -1.62
C VAL A 70 -14.26 31.50 -1.34
N LYS A 71 -15.46 31.90 -0.92
CA LYS A 71 -15.71 33.24 -0.44
C LYS A 71 -15.40 33.24 1.06
N VAL A 72 -14.37 33.96 1.46
CA VAL A 72 -13.89 33.90 2.83
C VAL A 72 -14.93 34.58 3.74
N THR A 73 -15.31 33.85 4.80
CA THR A 73 -16.23 34.36 5.78
C THR A 73 -15.65 34.29 7.17
N ALA A 74 -16.23 35.06 8.08
CA ALA A 74 -15.83 35.05 9.49
C ALA A 74 -16.01 33.67 10.11
N SER A 75 -17.03 32.94 9.66
CA SER A 75 -17.26 31.56 10.12
C SER A 75 -16.13 30.59 9.82
N MET A 76 -15.24 30.94 8.89
CA MET A 76 -14.09 30.09 8.59
C MET A 76 -12.89 30.39 9.47
N ALA A 77 -12.97 31.39 10.34
CA ALA A 77 -11.81 31.80 11.13
C ALA A 77 -11.34 30.71 12.09
N LYS A 78 -10.03 30.72 12.35
CA LYS A 78 -9.39 29.81 13.28
C LYS A 78 -8.31 30.55 14.03
N PRO A 79 -7.98 30.07 15.25
CA PRO A 79 -6.85 30.64 15.97
C PRO A 79 -5.53 30.32 15.27
N ALA A 80 -4.61 31.26 15.32
CA ALA A 80 -3.27 31.10 14.74
C ALA A 80 -2.40 30.25 15.67
N THR A 81 -1.56 29.40 15.08
CA THR A 81 -0.52 28.70 15.85
C THR A 81 0.69 29.59 16.00
N GLU A 82 1.56 29.24 16.94
CA GLU A 82 2.81 29.96 17.10
C GLU A 82 3.69 29.84 15.85
N VAL A 83 3.70 28.65 15.25
CA VAL A 83 4.39 28.44 13.97
C VAL A 83 3.89 29.41 12.88
N GLU A 84 2.57 29.56 12.76
CA GLU A 84 2.00 30.50 11.78
C GLU A 84 2.32 31.97 12.10
N LYS A 85 2.31 32.33 13.38
CA LYS A 85 2.69 33.69 13.79
C LYS A 85 4.16 33.96 13.46
N THR A 86 5.03 32.99 13.70
CA THR A 86 6.45 33.14 13.36
C THR A 86 6.64 33.30 11.85
N LYS A 87 5.92 32.50 11.06
CA LYS A 87 6.02 32.55 9.60
C LYS A 87 5.40 33.82 8.98
N TYR A 88 4.21 34.21 9.43
CA TYR A 88 3.45 35.31 8.81
C TYR A 88 3.32 36.63 9.60
N GLY A 89 3.73 36.62 10.86
CA GLY A 89 3.59 37.77 11.74
C GLY A 89 2.60 37.51 12.85
N GLU A 90 2.83 38.13 14.01
CA GLU A 90 1.97 38.00 15.20
C GLU A 90 0.48 38.18 14.91
N ASP A 91 0.15 39.12 14.01
CA ASP A 91 -1.24 39.49 13.70
C ASP A 91 -1.86 38.73 12.52
N VAL A 92 -1.26 37.63 12.10
CA VAL A 92 -1.78 36.88 10.97
C VAL A 92 -3.25 36.48 11.16
N LYS A 93 -4.05 36.71 10.13
CA LYS A 93 -5.45 36.31 10.11
C LYS A 93 -5.50 34.93 9.47
N VAL A 94 -6.25 34.02 10.08
CA VAL A 94 -6.29 32.64 9.67
C VAL A 94 -7.72 32.17 9.44
N TYR A 95 -7.93 31.52 8.30
CA TYR A 95 -9.22 30.93 7.95
C TYR A 95 -8.94 29.52 7.47
N GLU A 96 -9.90 28.64 7.63
CA GLU A 96 -9.69 27.24 7.29
C GLU A 96 -10.86 26.73 6.47
N THR A 97 -10.53 25.95 5.44
CA THR A 97 -11.50 25.28 4.58
C THR A 97 -10.93 23.90 4.25
N GLU A 98 -11.66 23.15 3.44
CA GLU A 98 -11.35 21.76 3.19
C GLU A 98 -11.63 21.38 1.75
N MET A 99 -10.78 20.54 1.16
CA MET A 99 -11.09 19.89 -0.10
C MET A 99 -10.67 18.43 -0.04
N ASP A 100 -11.35 17.62 -0.84
CA ASP A 100 -11.04 16.20 -0.96
C ASP A 100 -10.20 15.94 -2.21
N LEU A 101 -9.21 15.08 -2.05
CA LEU A 101 -8.39 14.60 -3.16
C LEU A 101 -8.57 13.10 -3.18
N THR A 102 -9.22 12.61 -4.24
CA THR A 102 -9.57 11.20 -4.32
C THR A 102 -8.72 10.53 -5.39
N VAL A 103 -8.10 9.42 -5.01
CA VAL A 103 -7.19 8.68 -5.88
C VAL A 103 -7.71 7.25 -6.03
N LYS A 104 -7.78 6.76 -7.27
CA LYS A 104 -8.16 5.37 -7.53
C LYS A 104 -7.03 4.46 -7.07
N ARG A 105 -7.37 3.38 -6.39
CA ARG A 105 -6.38 2.44 -5.86
C ARG A 105 -5.50 1.86 -6.95
N GLU A 106 -6.09 1.53 -8.11
CA GLU A 106 -5.33 1.04 -9.25
C GLU A 106 -4.27 2.02 -9.78
N ASP A 107 -4.51 3.33 -9.63
CA ASP A 107 -3.51 4.33 -10.02
C ASP A 107 -2.29 4.35 -9.11
N LEU A 108 -2.44 3.85 -7.88
CA LEU A 108 -1.30 3.67 -6.95
C LEU A 108 -0.61 2.33 -7.14
N THR A 109 -1.39 1.25 -7.26
CA THR A 109 -0.84 -0.11 -7.39
C THR A 109 -0.42 -0.47 -8.82
N LYS A 110 -1.03 0.15 -9.82
CA LYS A 110 -0.91 -0.25 -11.24
C LYS A 110 -1.32 -1.71 -11.45
N ASN A 111 -2.25 -2.20 -10.62
CA ASN A 111 -2.64 -3.61 -10.54
C ASN A 111 -1.44 -4.59 -10.49
N GLN A 112 -0.43 -4.22 -9.72
CA GLN A 112 0.67 -5.10 -9.36
C GLN A 112 0.69 -5.18 -7.86
N VAL A 113 1.39 -6.16 -7.30
CA VAL A 113 1.55 -6.24 -5.85
C VAL A 113 2.30 -5.00 -5.35
N VAL A 114 2.03 -4.62 -4.12
CA VAL A 114 2.70 -3.48 -3.49
C VAL A 114 3.76 -4.01 -2.54
N LYS A 115 5.03 -3.67 -2.82
CA LYS A 115 6.17 -4.21 -2.07
C LYS A 115 6.63 -3.32 -0.92
N ASP A 116 6.33 -2.03 -1.00
CA ASP A 116 6.75 -1.10 0.04
C ASP A 116 5.80 0.10 0.06
N ASP A 117 5.96 0.90 1.11
CA ASP A 117 5.27 2.19 1.27
C ASP A 117 5.43 3.07 0.06
N ILE A 118 4.35 3.75 -0.32
CA ILE A 118 4.41 4.81 -1.33
C ILE A 118 4.27 6.15 -0.61
N ALA A 119 5.24 7.03 -0.83
CA ALA A 119 5.22 8.36 -0.23
C ALA A 119 4.42 9.30 -1.13
N LEU A 120 3.38 9.91 -0.56
CA LEU A 120 2.52 10.87 -1.27
C LEU A 120 2.59 12.23 -0.60
N VAL A 121 2.31 13.27 -1.38
CA VAL A 121 2.32 14.63 -0.87
C VAL A 121 1.31 15.48 -1.62
N VAL A 122 0.70 16.42 -0.90
CA VAL A 122 -0.28 17.38 -1.43
C VAL A 122 0.40 18.72 -1.72
N TYR A 123 0.16 19.28 -2.91
CA TYR A 123 0.49 20.66 -3.26
C TYR A 123 -0.78 21.48 -3.30
N GLU A 124 -0.67 22.76 -2.99
CA GLU A 124 -1.83 23.67 -3.04
C GLU A 124 -1.44 25.02 -3.61
N GLN A 125 -2.37 25.66 -4.32
CA GLN A 125 -2.20 27.05 -4.75
C GLN A 125 -3.44 27.87 -4.44
N LEU A 126 -3.22 29.17 -4.27
CA LEU A 126 -4.25 30.14 -3.91
C LEU A 126 -4.28 31.28 -4.91
N TRP A 127 -5.44 31.53 -5.49
CA TRP A 127 -5.64 32.56 -6.51
C TRP A 127 -6.58 33.65 -5.99
N ALA A 128 -6.15 34.91 -6.11
CA ALA A 128 -6.98 36.07 -5.75
C ALA A 128 -8.14 36.23 -6.74
N GLU A 129 -9.24 36.78 -6.26
CA GLU A 129 -10.41 37.08 -7.10
C GLU A 129 -9.99 37.89 -8.34
N GLY A 130 -10.55 37.54 -9.50
CA GLY A 130 -10.27 38.26 -10.74
C GLY A 130 -9.08 37.75 -11.54
N THR A 131 -8.19 36.97 -10.91
CA THR A 131 -7.00 36.44 -11.57
C THR A 131 -7.24 35.12 -12.29
N TYR A 132 -8.45 34.57 -12.16
CA TYR A 132 -8.83 33.31 -12.80
C TYR A 132 -10.15 33.52 -13.54
N GLU A 133 -10.33 32.85 -14.67
CA GLU A 133 -11.59 32.95 -15.46
C GLU A 133 -12.37 31.64 -15.55
N LYS A 134 -11.81 30.55 -15.05
CA LYS A 134 -12.53 29.29 -14.95
C LYS A 134 -11.96 28.51 -13.80
N VAL A 135 -12.85 27.94 -13.01
CA VAL A 135 -12.51 26.93 -12.02
C VAL A 135 -13.46 25.78 -12.25
N ASN A 136 -12.91 24.58 -12.48
CA ASN A 136 -13.73 23.38 -12.54
C ASN A 136 -13.39 22.47 -11.35
N ASP A 137 -13.82 21.21 -11.39
CA ASP A 137 -13.56 20.29 -10.30
C ASP A 137 -12.07 19.96 -10.10
N THR A 138 -11.22 20.21 -11.12
CA THR A 138 -9.79 19.86 -11.07
C THR A 138 -8.75 20.98 -11.16
N GLU A 139 -9.04 22.08 -11.87
CA GLU A 139 -8.00 23.10 -12.08
C GLU A 139 -8.52 24.50 -12.28
N VAL A 140 -7.61 25.46 -12.08
CA VAL A 140 -7.88 26.88 -12.22
C VAL A 140 -7.28 27.39 -13.54
N THR A 141 -8.08 28.15 -14.31
CA THR A 141 -7.62 28.73 -15.57
C THR A 141 -7.36 30.21 -15.31
N PRO A 142 -6.13 30.68 -15.59
CA PRO A 142 -5.83 32.08 -15.29
C PRO A 142 -6.42 33.06 -16.27
N LYS A 143 -6.69 34.28 -15.79
CA LYS A 143 -6.82 35.44 -16.67
C LYS A 143 -5.42 35.81 -17.11
N GLY A 144 -5.22 35.96 -18.42
CA GLY A 144 -3.91 36.27 -18.97
C GLY A 144 -2.82 35.36 -18.45
N LYS A 145 -1.70 35.95 -18.00
CA LYS A 145 -0.58 35.19 -17.44
C LYS A 145 -0.56 35.25 -15.91
N SER A 146 -1.71 35.50 -15.32
CA SER A 146 -1.79 35.56 -13.87
C SER A 146 -1.28 34.27 -13.23
N GLU A 147 -0.72 34.43 -12.04
CA GLU A 147 -0.19 33.32 -11.25
C GLU A 147 -0.91 33.32 -9.91
N PRO A 148 -0.85 32.19 -9.18
CA PRO A 148 -1.41 32.21 -7.84
C PRO A 148 -0.72 33.26 -6.98
N VAL A 149 -1.46 33.86 -6.05
CA VAL A 149 -0.83 34.75 -5.05
C VAL A 149 -0.05 34.00 -3.96
N ALA A 150 -0.33 32.71 -3.77
CA ALA A 150 0.40 31.89 -2.84
C ALA A 150 0.40 30.43 -3.27
N LYS A 151 1.48 29.73 -2.94
CA LYS A 151 1.62 28.32 -3.18
C LYS A 151 2.12 27.62 -1.92
N HIS A 152 1.83 26.33 -1.85
CA HIS A 152 2.44 25.43 -0.88
C HIS A 152 2.80 24.19 -1.66
N ASN A 153 3.94 24.29 -2.34
CA ASN A 153 4.45 23.27 -3.25
C ASN A 153 5.75 22.71 -2.68
N ASP A 154 5.64 21.97 -1.59
CA ASP A 154 6.80 21.46 -0.84
C ASP A 154 6.73 19.93 -0.77
N PRO A 155 7.60 19.24 -1.54
CA PRO A 155 7.56 17.78 -1.56
C PRO A 155 8.02 17.11 -0.26
N GLN A 156 8.74 17.86 0.58
CA GLN A 156 9.21 17.38 1.88
C GLN A 156 8.29 17.75 3.03
N SER A 157 7.13 18.37 2.75
CA SER A 157 6.21 18.81 3.81
C SER A 157 5.66 17.63 4.61
N SER A 158 5.89 17.64 5.92
CA SER A 158 5.32 16.62 6.80
C SER A 158 3.80 16.77 6.92
N SER A 159 3.32 18.00 7.09
CA SER A 159 1.89 18.26 7.16
C SER A 159 1.13 17.76 5.92
N GLN A 160 1.75 17.90 4.74
CA GLN A 160 1.11 17.48 3.50
C GLN A 160 1.40 16.05 3.06
N SER A 161 2.15 15.31 3.87
CA SER A 161 2.58 13.97 3.52
C SER A 161 1.55 12.94 3.95
N ILE A 162 1.40 11.90 3.13
CA ILE A 162 0.53 10.75 3.39
C ILE A 162 1.29 9.52 2.95
N THR A 163 1.14 8.41 3.68
CA THR A 163 1.77 7.14 3.30
C THR A 163 0.73 6.10 2.89
N ALA A 164 0.86 5.63 1.65
CA ALA A 164 0.10 4.49 1.13
C ALA A 164 0.85 3.23 1.58
N GLU A 165 0.36 2.60 2.64
CA GLU A 165 1.10 1.52 3.33
C GLU A 165 0.57 0.15 2.94
N PRO A 166 1.41 -0.71 2.36
CA PRO A 166 0.90 -2.06 2.11
C PRO A 166 0.90 -2.93 3.37
N GLN A 167 -0.05 -3.86 3.44
CA GLN A 167 0.00 -4.99 4.39
C GLN A 167 0.54 -6.21 3.63
N PHE A 168 0.94 -7.24 4.37
CA PHE A 168 1.60 -8.42 3.79
C PHE A 168 0.96 -9.71 4.26
N GLY A 169 1.13 -10.76 3.45
CA GLY A 169 0.65 -12.10 3.76
C GLY A 169 1.77 -13.01 4.21
N SER A 170 1.43 -14.28 4.42
CA SER A 170 2.40 -15.28 4.82
C SER A 170 1.99 -16.64 4.27
N LEU A 171 2.96 -17.56 4.19
CA LEU A 171 2.70 -18.94 3.79
C LEU A 171 3.28 -19.86 4.87
N LYS A 172 2.41 -20.57 5.59
CA LYS A 172 2.85 -21.60 6.54
C LYS A 172 2.86 -22.93 5.81
N LEU A 173 3.95 -23.66 5.93
CA LEU A 173 4.08 -25.00 5.36
C LEU A 173 4.33 -26.02 6.47
N THR A 174 3.51 -27.07 6.46
CA THR A 174 3.60 -28.19 7.39
C THR A 174 3.85 -29.48 6.61
N LYS A 175 4.72 -30.33 7.12
CA LYS A 175 5.03 -31.63 6.53
C LYS A 175 4.30 -32.75 7.27
N THR A 176 3.59 -33.60 6.54
CA THR A 176 3.02 -34.82 7.11
C THR A 176 3.54 -36.02 6.32
N VAL A 177 3.36 -37.20 6.89
CA VAL A 177 3.90 -38.43 6.35
C VAL A 177 2.91 -39.56 6.58
N THR A 178 2.66 -40.31 5.51
CA THR A 178 1.94 -41.59 5.59
C THR A 178 2.76 -42.64 4.85
N GLY A 179 2.56 -43.89 5.26
CA GLY A 179 3.17 -45.03 4.59
C GLY A 179 4.62 -45.29 4.92
N TRP A 180 5.13 -44.64 5.97
CA TRP A 180 6.48 -44.91 6.45
C TRP A 180 6.57 -46.36 6.92
N GLU A 181 7.70 -46.98 6.62
CA GLU A 181 7.94 -48.36 7.04
C GLU A 181 9.44 -48.58 7.23
N ASP A 182 9.83 -48.79 8.49
CA ASP A 182 11.23 -48.96 8.90
C ASP A 182 12.02 -50.01 8.12
N ALA A 183 11.34 -51.05 7.66
CA ALA A 183 11.96 -52.11 6.88
C ALA A 183 12.76 -51.58 5.69
N PHE A 184 12.29 -50.49 5.10
CA PHE A 184 12.89 -49.89 3.91
C PHE A 184 13.80 -48.69 4.19
N ALA A 185 13.64 -48.08 5.37
CA ALA A 185 14.17 -46.76 5.64
C ALA A 185 15.64 -46.78 5.96
N LYS A 186 16.27 -45.64 5.68
CA LYS A 186 17.70 -45.41 5.93
C LYS A 186 17.94 -44.58 7.20
N VAL A 187 16.89 -43.92 7.69
CA VAL A 187 16.95 -43.14 8.94
C VAL A 187 15.72 -43.45 9.78
N ALA A 188 15.79 -43.04 11.04
CA ALA A 188 14.65 -43.13 11.94
C ALA A 188 13.61 -42.08 11.54
N ARG A 189 12.34 -42.48 11.60
CA ARG A 189 11.22 -41.63 11.18
C ARG A 189 11.22 -40.20 11.72
N PRO A 190 11.42 -40.01 13.05
CA PRO A 190 11.43 -38.64 13.58
C PRO A 190 12.68 -37.83 13.26
N GLU A 191 13.69 -38.46 12.67
CA GLU A 191 14.90 -37.78 12.23
C GLU A 191 14.91 -37.51 10.73
N ALA A 192 13.90 -38.00 9.99
CA ALA A 192 13.84 -37.70 8.57
C ALA A 192 13.66 -36.19 8.40
N SER A 193 14.35 -35.64 7.41
CA SER A 193 14.41 -34.20 7.23
C SER A 193 14.05 -33.90 5.77
N TYR A 194 12.94 -33.19 5.57
CA TYR A 194 12.38 -32.97 4.25
C TYR A 194 12.70 -31.55 3.77
N LYS A 195 13.36 -31.43 2.62
CA LYS A 195 13.89 -30.14 2.16
C LYS A 195 12.91 -29.45 1.24
N PHE A 196 12.66 -28.16 1.50
CA PHE A 196 11.76 -27.34 0.69
C PHE A 196 12.40 -26.06 0.23
N THR A 197 11.96 -25.59 -0.93
CA THR A 197 12.28 -24.26 -1.42
C THR A 197 10.97 -23.57 -1.67
N VAL A 198 10.81 -22.38 -1.13
CA VAL A 198 9.62 -21.57 -1.42
C VAL A 198 10.07 -20.27 -2.05
N LYS A 199 9.54 -19.95 -3.22
CA LYS A 199 9.85 -18.69 -3.91
C LYS A 199 8.60 -17.82 -4.02
N CYS A 200 8.73 -16.55 -3.66
CA CYS A 200 7.66 -15.57 -3.87
C CYS A 200 8.00 -14.90 -5.19
N VAL A 201 7.13 -15.05 -6.18
CA VAL A 201 7.48 -14.79 -7.57
C VAL A 201 7.73 -13.29 -7.78
N GLN A 202 6.75 -12.47 -7.41
CA GLN A 202 6.86 -11.01 -7.60
C GLN A 202 7.90 -10.39 -6.68
N LYS A 203 7.92 -10.82 -5.43
CA LYS A 203 8.92 -10.32 -4.48
C LYS A 203 10.34 -10.73 -4.88
N GLY A 204 10.46 -11.90 -5.50
CA GLY A 204 11.75 -12.45 -5.92
C GLY A 204 12.55 -13.00 -4.75
N SER A 205 11.86 -13.44 -3.69
CA SER A 205 12.52 -14.00 -2.50
C SER A 205 12.56 -15.52 -2.58
N VAL A 206 13.56 -16.09 -1.92
CA VAL A 206 13.75 -17.52 -1.87
C VAL A 206 13.95 -17.95 -0.41
N ASP A 207 13.12 -18.89 0.05
CA ASP A 207 13.25 -19.48 1.37
C ASP A 207 13.63 -20.94 1.16
N GLU A 208 14.72 -21.35 1.79
CA GLU A 208 15.21 -22.72 1.74
C GLU A 208 15.15 -23.21 3.18
N PHE A 209 14.44 -24.31 3.42
CA PHE A 209 14.38 -24.85 4.76
C PHE A 209 14.08 -26.33 4.81
N THR A 210 14.31 -26.93 5.97
CA THR A 210 14.02 -28.31 6.21
C THR A 210 12.84 -28.39 7.14
N LEU A 211 12.02 -29.43 6.98
CA LEU A 211 10.93 -29.74 7.90
C LEU A 211 11.06 -31.20 8.27
N LYS A 212 11.12 -31.49 9.58
CA LYS A 212 10.88 -32.85 10.05
C LYS A 212 9.37 -33.10 9.99
N GLU A 213 8.96 -34.35 10.07
CA GLU A 213 7.53 -34.70 10.08
C GLU A 213 6.80 -33.98 11.20
N GLY A 214 5.68 -33.34 10.87
CA GLY A 214 4.91 -32.53 11.82
C GLY A 214 5.44 -31.12 12.07
N GLU A 215 6.59 -30.77 11.50
CA GLU A 215 7.15 -29.41 11.70
C GLU A 215 6.47 -28.43 10.75
N GLU A 216 6.46 -27.17 11.16
CA GLU A 216 5.95 -26.08 10.33
C GLU A 216 6.97 -24.97 10.27
N LYS A 217 7.01 -24.27 9.14
CA LYS A 217 7.76 -23.03 9.04
C LYS A 217 6.93 -22.07 8.20
N THR A 218 7.10 -20.78 8.48
CA THR A 218 6.26 -19.76 7.88
C THR A 218 7.14 -18.75 7.15
N VAL A 219 6.80 -18.49 5.90
CA VAL A 219 7.42 -17.43 5.12
C VAL A 219 6.57 -16.18 5.34
N GLU A 220 7.15 -15.11 5.89
CA GLU A 220 6.39 -13.88 6.19
C GLU A 220 6.72 -12.75 5.23
N GLY A 221 5.94 -11.67 5.28
CA GLY A 221 6.22 -10.48 4.48
C GLY A 221 6.03 -10.67 2.98
N ILE A 222 5.02 -11.45 2.62
CA ILE A 222 4.73 -11.75 1.22
C ILE A 222 3.79 -10.65 0.68
N PRO A 223 4.17 -9.99 -0.44
CA PRO A 223 3.22 -9.00 -0.96
C PRO A 223 1.88 -9.62 -1.26
N LEU A 224 0.81 -8.91 -0.92
CA LEU A 224 -0.52 -9.44 -1.14
C LEU A 224 -0.80 -9.49 -2.65
N GLY A 225 -1.28 -10.64 -3.12
CA GLY A 225 -1.44 -10.90 -4.54
C GLY A 225 -0.28 -11.65 -5.17
N ASP A 226 0.78 -11.92 -4.41
CA ASP A 226 1.93 -12.64 -4.95
C ASP A 226 1.58 -14.11 -5.02
N THR A 227 2.34 -14.84 -5.84
CA THR A 227 2.24 -16.30 -5.88
C THR A 227 3.51 -16.90 -5.31
N CYS A 228 3.35 -18.05 -4.67
CA CYS A 228 4.44 -18.83 -4.10
C CYS A 228 4.52 -20.17 -4.80
N THR A 229 5.73 -20.52 -5.26
CA THR A 229 6.02 -21.88 -5.70
C THR A 229 6.67 -22.62 -4.53
N ILE A 230 6.24 -23.86 -4.32
CA ILE A 230 6.77 -24.74 -3.27
C ILE A 230 7.36 -25.96 -3.96
N SER A 231 8.64 -26.25 -3.68
CA SER A 231 9.36 -27.35 -4.30
C SER A 231 9.98 -28.21 -3.22
N GLU A 232 9.61 -29.48 -3.16
CA GLU A 232 10.26 -30.45 -2.29
C GLU A 232 11.36 -31.23 -3.02
N ASP A 233 12.45 -31.51 -2.31
CA ASP A 233 13.46 -32.42 -2.79
C ASP A 233 12.94 -33.84 -2.60
N VAL A 234 12.24 -34.33 -3.61
CA VAL A 234 11.54 -35.60 -3.46
C VAL A 234 12.52 -36.79 -3.39
N GLN A 235 13.54 -36.78 -4.26
CA GLN A 235 14.53 -37.87 -4.21
C GLN A 235 15.17 -37.97 -2.83
N GLY A 236 15.41 -36.83 -2.19
CA GLY A 236 16.00 -36.83 -0.86
C GLY A 236 15.08 -37.48 0.16
N ALA A 237 13.77 -37.27 -0.01
CA ALA A 237 12.78 -37.89 0.86
C ALA A 237 12.72 -39.40 0.64
N VAL A 238 12.69 -39.77 -0.64
CA VAL A 238 12.69 -41.17 -1.06
C VAL A 238 13.91 -41.93 -0.49
N ASN A 239 15.08 -41.30 -0.56
CA ASN A 239 16.31 -41.92 -0.05
C ASN A 239 16.25 -42.20 1.45
N GLN A 240 15.65 -41.28 2.20
CA GLN A 240 15.50 -41.44 3.65
C GLN A 240 14.49 -42.51 4.00
N ALA A 241 13.32 -42.45 3.36
CA ALA A 241 12.25 -43.41 3.58
C ALA A 241 12.50 -44.81 2.99
N GLY A 242 13.38 -44.87 1.98
CA GLY A 242 13.58 -46.09 1.17
C GLY A 242 12.39 -46.48 0.31
N LEU A 243 11.53 -45.52 0.01
CA LEU A 243 10.24 -45.74 -0.64
C LEU A 243 9.94 -44.56 -1.55
N LYS A 244 9.39 -44.84 -2.73
CA LYS A 244 8.87 -43.79 -3.60
C LYS A 244 7.84 -42.96 -2.83
N ASP A 245 7.71 -41.70 -3.22
CA ASP A 245 7.00 -40.68 -2.46
C ASP A 245 6.09 -39.92 -3.41
N THR A 246 4.78 -40.01 -3.18
CA THR A 246 3.81 -39.19 -3.88
C THR A 246 3.49 -38.04 -2.95
N VAL A 247 3.73 -36.81 -3.38
CA VAL A 247 3.49 -35.65 -2.53
C VAL A 247 2.11 -35.07 -2.84
N LYS A 248 1.30 -34.90 -1.79
CA LYS A 248 -0.06 -34.36 -1.94
C LYS A 248 -0.09 -33.04 -1.20
N PHE A 249 -0.32 -31.95 -1.93
CA PHE A 249 -0.47 -30.62 -1.31
C PHE A 249 -1.94 -30.34 -1.03
N THR A 250 -2.23 -29.85 0.17
CA THR A 250 -3.57 -29.35 0.53
C THR A 250 -3.42 -28.00 1.22
N ALA A 251 -4.50 -27.23 1.25
CA ALA A 251 -4.53 -25.95 1.96
C ALA A 251 -5.82 -25.76 2.77
N VAL A 252 -5.74 -24.88 3.77
CA VAL A 252 -6.85 -24.55 4.67
C VAL A 252 -7.72 -23.44 4.04
N ASN A 253 -8.96 -23.29 4.52
CA ASN A 253 -9.84 -22.14 4.19
C ASN A 253 -10.15 -21.97 2.70
N GLY A 254 -10.27 -23.09 1.99
CA GLY A 254 -10.64 -23.07 0.58
C GLY A 254 -9.62 -22.52 -0.41
N VAL A 255 -8.37 -22.33 0.03
CA VAL A 255 -7.32 -21.84 -0.85
C VAL A 255 -6.92 -22.95 -1.82
N THR A 256 -6.78 -22.61 -3.10
CA THR A 256 -6.37 -23.54 -4.13
C THR A 256 -4.86 -23.71 -4.09
N VAL A 257 -4.39 -24.94 -4.14
CA VAL A 257 -2.96 -25.22 -4.33
C VAL A 257 -2.86 -26.22 -5.49
N ASP A 258 -2.24 -25.79 -6.58
CA ASP A 258 -2.11 -26.60 -7.79
C ASP A 258 -0.77 -27.31 -7.80
N SER A 259 -0.76 -28.57 -8.20
CA SER A 259 0.48 -29.33 -8.39
C SER A 259 0.41 -30.14 -9.70
N GLN A 260 1.21 -29.76 -10.69
CA GLN A 260 1.29 -30.49 -11.97
C GLN A 260 2.40 -31.56 -11.93
N VAL A 261 3.55 -31.19 -11.38
CA VAL A 261 4.71 -32.08 -11.19
C VAL A 261 4.78 -32.53 -9.71
N ASN A 262 5.12 -33.80 -9.50
CA ASN A 262 5.25 -34.35 -8.14
C ASN A 262 6.29 -33.56 -7.36
N GLY A 263 5.91 -33.13 -6.16
CA GLY A 263 6.79 -32.34 -5.29
C GLY A 263 6.71 -30.84 -5.52
N GLU A 264 5.88 -30.37 -6.45
CA GLU A 264 5.85 -28.96 -6.87
C GLU A 264 4.44 -28.43 -6.77
N ALA A 265 4.27 -27.30 -6.09
CA ALA A 265 2.96 -26.68 -5.97
C ALA A 265 3.06 -25.19 -6.18
N VAL A 266 1.94 -24.58 -6.54
CA VAL A 266 1.84 -23.13 -6.62
C VAL A 266 0.59 -22.70 -5.85
N VAL A 267 0.69 -21.59 -5.14
CA VAL A 267 -0.41 -21.06 -4.33
C VAL A 267 -0.37 -19.54 -4.32
N LYS A 268 -1.53 -18.90 -4.35
CA LYS A 268 -1.60 -17.42 -4.29
C LYS A 268 -1.77 -16.95 -2.85
N ILE A 269 -1.11 -15.84 -2.52
CA ILE A 269 -1.13 -15.24 -1.19
C ILE A 269 -1.92 -13.95 -1.26
N GLY A 270 -2.88 -13.79 -0.36
CA GLY A 270 -3.79 -12.65 -0.41
C GLY A 270 -4.79 -12.69 -1.54
N GLY A 271 -5.08 -13.90 -2.04
CA GLY A 271 -6.08 -14.10 -3.08
C GLY A 271 -7.45 -14.30 -2.49
N SER A 276 -15.73 -13.30 -1.62
CA SER A 276 -15.10 -11.99 -1.77
C SER A 276 -13.91 -11.79 -0.82
N ASP A 277 -13.83 -12.61 0.23
CA ASP A 277 -12.83 -12.41 1.29
C ASP A 277 -11.48 -12.99 0.86
N THR A 278 -10.41 -12.29 1.17
CA THR A 278 -9.06 -12.76 0.85
C THR A 278 -8.46 -13.55 2.00
N VAL A 279 -7.56 -14.47 1.67
CA VAL A 279 -6.80 -15.21 2.65
C VAL A 279 -5.34 -14.74 2.53
N ALA A 280 -4.97 -13.80 3.40
CA ALA A 280 -3.62 -13.26 3.45
C ALA A 280 -2.61 -14.27 4.01
N ASN A 281 -3.03 -15.01 5.04
CA ASN A 281 -2.15 -15.93 5.76
C ASN A 281 -2.51 -17.38 5.43
N VAL A 282 -1.85 -17.88 4.40
CA VAL A 282 -2.15 -19.19 3.82
C VAL A 282 -1.42 -20.28 4.58
N GLU A 283 -2.07 -21.45 4.71
CA GLU A 283 -1.48 -22.60 5.37
C GLU A 283 -1.60 -23.80 4.44
N VAL A 284 -0.44 -24.37 4.07
CA VAL A 284 -0.37 -25.49 3.13
C VAL A 284 0.24 -26.67 3.87
N THR A 285 -0.26 -27.87 3.59
CA THR A 285 0.33 -29.10 4.08
C THR A 285 0.82 -29.93 2.90
N ALA A 286 2.07 -30.36 3.01
CA ALA A 286 2.67 -31.30 2.08
C ALA A 286 2.68 -32.67 2.75
N GLU A 287 1.84 -33.56 2.26
CA GLU A 287 1.84 -34.95 2.72
C GLU A 287 2.77 -35.79 1.85
N ASN A 288 3.79 -36.34 2.49
CA ASN A 288 4.65 -37.35 1.88
C ASN A 288 3.99 -38.71 2.00
N SER A 289 3.41 -39.20 0.92
CA SER A 289 2.79 -40.52 0.91
C SER A 289 3.77 -41.54 0.32
N PHE A 290 4.36 -42.34 1.21
CA PHE A 290 5.33 -43.35 0.81
C PHE A 290 4.67 -44.70 0.53
N SER A 291 5.17 -45.41 -0.47
CA SER A 291 4.69 -46.75 -0.78
C SER A 291 5.73 -47.51 -1.59
N TYR A 292 5.57 -48.82 -1.67
CA TYR A 292 6.41 -49.65 -2.53
C TYR A 292 5.66 -49.96 -3.83
#